data_7OXN
#
_entry.id   7OXN
#
_cell.length_a   80.831
_cell.length_b   47.494
_cell.length_c   124.427
_cell.angle_alpha   90
_cell.angle_beta   90.955
_cell.angle_gamma   90
#
_symmetry.space_group_name_H-M   'I 1 2 1'
#
loop_
_entity.id
_entity.type
_entity.pdbx_description
1 polymer 'TAP01 family antibody heavy chain'
2 polymer 'TAP01 family antibody light chain'
3 polymer 'Amyloid-beta precursor protein'
4 non-polymer 1,2-ETHANEDIOL
5 non-polymer 'ZINC ION'
6 water water
#
loop_
_entity_poly.entity_id
_entity_poly.type
_entity_poly.pdbx_seq_one_letter_code
_entity_poly.pdbx_strand_id
1 'polypeptide(L)'
;QVQLKQSGPGLVQPSQSLSITCTVSGFSLTSYGIHWVRQSPGKGLEWLGVMWSGGITDFYAAFISRLSISRDISKSQVFF
KMNSLQADDTAIYYCARGSRYALDYWGQGTSVSVSSASTKGPSVFPLAPSSKSTSGGTAALGCLVKDYFPEPVTVSWNSG
ALTSGVHTFPAVLQSSGLYSLSSVVTVPSSSLGTQTYICNVNHKPSNTKVDKKVEPKSC
;
H
2 'polypeptide(L)'
;DIQMTQTTSSLSASLGDRVTISCRASQDISNYLNWYQQKPDGTVKLLIYYTSRLHSGVPSRFSGSGSGTDYSLTISNLEQ
EDIATYFCQQGNTLPPTFGGGTKLEIKRTVAAPSVFIFPPSDEQLKSGTASVVCLLNNFYPREAKVQWKVDNALQSGNSQ
ESVTEQDSKDSTYSLSSTLTLSKADYEKHKVYACEVTHQGLSSPVTKSFNRGEC
;
K
3 'polypeptide(L)' DA(SMC)FRHDSGYECHH A
#
loop_
_chem_comp.id
_chem_comp.type
_chem_comp.name
_chem_comp.formula
EDO non-polymer 1,2-ETHANEDIOL 'C2 H6 O2'
ZN non-polymer 'ZINC ION' 'Zn 2'
#
# COMPACT_ATOMS: atom_id res chain seq x y z
N GLN A 1 1.16 30.91 3.62
CA GLN A 1 1.01 29.45 3.93
C GLN A 1 1.99 28.62 3.09
N VAL A 2 2.80 27.78 3.75
CA VAL A 2 3.85 26.93 3.10
C VAL A 2 3.17 25.77 2.36
N GLN A 3 3.40 25.62 1.07
CA GLN A 3 2.78 24.53 0.28
C GLN A 3 3.71 24.10 -0.86
N LEU A 4 3.62 22.81 -1.18
CA LEU A 4 4.39 22.15 -2.28
C LEU A 4 3.39 21.37 -3.11
N LYS A 5 3.22 21.74 -4.40
CA LYS A 5 2.27 21.11 -5.36
C LYS A 5 3.04 20.41 -6.48
N GLN A 6 2.93 19.09 -6.55
CA GLN A 6 3.55 18.27 -7.62
C GLN A 6 2.61 18.22 -8.82
N SER A 7 3.15 18.42 -10.02
CA SER A 7 2.49 18.12 -11.32
C SER A 7 3.37 17.13 -12.10
N GLY A 8 2.79 16.46 -13.09
CA GLY A 8 3.44 15.42 -13.91
C GLY A 8 2.68 14.10 -13.83
N PRO A 9 2.72 13.26 -14.89
CA PRO A 9 1.83 12.12 -15.00
C PRO A 9 2.29 10.97 -14.11
N GLY A 10 1.35 10.16 -13.59
CA GLY A 10 1.62 8.91 -12.85
C GLY A 10 2.21 7.83 -13.76
N LEU A 11 1.73 7.70 -14.99
CA LEU A 11 2.03 6.56 -15.88
C LEU A 11 3.28 6.87 -16.72
N VAL A 12 4.27 5.99 -16.63
CA VAL A 12 5.49 6.00 -17.48
C VAL A 12 5.60 4.65 -18.18
N GLN A 13 5.85 4.66 -19.50
CA GLN A 13 6.09 3.41 -20.28
C GLN A 13 7.44 2.86 -19.86
N PRO A 14 7.70 1.53 -19.97
CA PRO A 14 8.99 0.97 -19.61
C PRO A 14 10.08 1.57 -20.52
N SER A 15 11.23 1.87 -19.92
CA SER A 15 12.43 2.43 -20.61
C SER A 15 12.23 3.94 -20.87
N GLN A 16 11.10 4.52 -20.43
CA GLN A 16 10.82 5.97 -20.57
C GLN A 16 11.11 6.71 -19.25
N SER A 17 11.13 8.04 -19.33
CA SER A 17 11.62 8.96 -18.28
C SER A 17 10.45 9.45 -17.43
N LEU A 18 10.62 9.49 -16.11
CA LEU A 18 9.64 10.07 -15.16
C LEU A 18 10.00 11.52 -14.91
N SER A 19 9.13 12.44 -15.31
CA SER A 19 9.27 13.91 -15.11
C SER A 19 8.22 14.40 -14.09
N ILE A 20 8.68 15.04 -13.00
CA ILE A 20 7.80 15.68 -11.98
C ILE A 20 8.27 17.12 -11.69
N THR A 21 7.44 18.10 -12.03
CA THR A 21 7.58 19.50 -11.58
C THR A 21 7.01 19.64 -10.17
N CYS A 22 7.83 20.19 -9.26
CA CYS A 22 7.48 20.54 -7.86
C CYS A 22 7.42 22.07 -7.75
N THR A 23 6.19 22.61 -7.81
CA THR A 23 5.86 24.06 -7.71
C THR A 23 5.58 24.40 -6.25
N VAL A 24 6.11 25.54 -5.79
CA VAL A 24 6.06 25.92 -4.34
C VAL A 24 5.49 27.34 -4.22
N SER A 25 5.13 27.72 -2.99
CA SER A 25 4.54 29.04 -2.63
C SER A 25 4.79 29.31 -1.14
N GLY A 26 4.86 30.59 -0.76
CA GLY A 26 4.95 31.00 0.65
C GLY A 26 6.28 30.60 1.26
N PHE A 27 7.32 30.49 0.45
CA PHE A 27 8.75 30.41 0.88
C PHE A 27 9.66 30.58 -0.35
N SER A 28 10.92 30.95 -0.14
CA SER A 28 11.93 31.18 -1.20
C SER A 28 12.77 29.91 -1.42
N LEU A 29 12.97 29.51 -2.68
CA LEU A 29 13.86 28.37 -3.07
C LEU A 29 15.33 28.73 -2.81
N THR A 30 15.66 30.03 -2.69
CA THR A 30 17.02 30.55 -2.40
C THR A 30 17.40 30.18 -0.95
N SER A 31 16.40 30.02 -0.09
CA SER A 31 16.52 29.96 1.38
C SER A 31 16.27 28.52 1.89
N TYR A 32 15.70 27.64 1.07
CA TYR A 32 15.35 26.24 1.44
C TYR A 32 15.89 25.27 0.37
N GLY A 33 16.12 24.01 0.79
CA GLY A 33 16.40 22.87 -0.10
C GLY A 33 15.13 22.12 -0.45
N ILE A 34 15.05 21.53 -1.65
CA ILE A 34 13.95 20.62 -2.04
C ILE A 34 14.53 19.21 -2.20
N HIS A 35 14.05 18.26 -1.38
CA HIS A 35 14.49 16.83 -1.41
C HIS A 35 13.49 16.00 -2.20
N TRP A 36 13.98 14.98 -2.91
CA TRP A 36 13.18 14.04 -3.72
C TRP A 36 13.28 12.65 -3.12
N VAL A 37 12.16 12.17 -2.59
CA VAL A 37 12.02 10.89 -1.82
C VAL A 37 10.93 10.06 -2.50
N ARG A 38 11.06 8.73 -2.46
CA ARG A 38 10.06 7.77 -2.99
C ARG A 38 9.77 6.69 -1.93
N GLN A 39 8.57 6.12 -2.00
CA GLN A 39 8.11 5.07 -1.04
C GLN A 39 7.50 3.91 -1.84
N SER A 40 8.31 2.87 -2.06
CA SER A 40 7.85 1.58 -2.66
C SER A 40 6.85 0.93 -1.70
N PRO A 41 5.85 0.17 -2.22
CA PRO A 41 4.89 -0.50 -1.34
C PRO A 41 5.56 -1.56 -0.43
N GLY A 42 5.40 -1.37 0.90
CA GLY A 42 5.93 -2.29 1.93
C GLY A 42 7.34 -1.90 2.34
N LYS A 43 8.21 -1.61 1.36
CA LYS A 43 9.54 -0.99 1.63
C LYS A 43 9.36 0.40 2.24
N GLY A 44 10.45 0.98 2.75
CA GLY A 44 10.46 2.23 3.53
C GLY A 44 10.64 3.43 2.63
N LEU A 45 10.80 4.61 3.24
CA LEU A 45 11.10 5.88 2.51
C LEU A 45 12.52 5.81 1.95
N GLU A 46 12.69 6.17 0.68
CA GLU A 46 13.98 6.14 -0.05
C GLU A 46 14.37 7.56 -0.51
N TRP A 47 15.49 8.09 -0.02
CA TRP A 47 16.01 9.39 -0.51
C TRP A 47 16.67 9.19 -1.87
N LEU A 48 16.34 10.04 -2.86
CA LEU A 48 16.86 9.97 -4.25
C LEU A 48 17.86 11.12 -4.52
N GLY A 49 17.58 12.32 -4.01
CA GLY A 49 18.46 13.48 -4.22
C GLY A 49 17.87 14.78 -3.71
N VAL A 50 18.58 15.88 -3.94
CA VAL A 50 18.22 17.22 -3.38
C VAL A 50 18.81 18.33 -4.25
N MET A 51 18.02 19.38 -4.43
CA MET A 51 18.48 20.73 -4.82
C MET A 51 18.65 21.54 -3.53
N TRP A 52 19.89 21.66 -3.05
CA TRP A 52 20.25 22.50 -1.88
C TRP A 52 19.83 23.95 -2.16
N SER A 53 19.67 24.75 -1.11
CA SER A 53 19.27 26.19 -1.19
C SER A 53 20.23 26.98 -2.10
N GLY A 54 21.53 26.72 -1.99
CA GLY A 54 22.60 27.40 -2.75
C GLY A 54 22.49 27.16 -4.25
N GLY A 55 21.96 26.00 -4.67
CA GLY A 55 21.73 25.68 -6.10
C GLY A 55 22.48 24.45 -6.56
N ILE A 56 23.45 23.95 -5.76
CA ILE A 56 24.18 22.68 -6.04
C ILE A 56 23.29 21.48 -5.64
N THR A 57 23.36 20.39 -6.41
CA THR A 57 22.53 19.18 -6.24
C THR A 57 23.34 18.06 -5.60
N ASP A 58 22.66 17.08 -4.99
CA ASP A 58 23.26 15.80 -4.52
C ASP A 58 22.28 14.65 -4.80
N PHE A 59 22.81 13.44 -4.94
CA PHE A 59 22.07 12.23 -5.37
C PHE A 59 22.46 11.05 -4.47
N TYR A 60 21.57 10.08 -4.32
CA TYR A 60 21.87 8.72 -3.80
C TYR A 60 22.76 8.05 -4.85
N ALA A 61 23.79 7.30 -4.42
CA ALA A 61 24.79 6.62 -5.28
C ALA A 61 24.10 5.77 -6.36
N ALA A 62 23.16 4.93 -5.96
CA ALA A 62 22.46 3.95 -6.83
C ALA A 62 21.63 4.60 -7.96
N PHE A 63 21.40 5.91 -7.94
CA PHE A 63 20.60 6.65 -8.96
C PHE A 63 21.41 7.72 -9.72
N ILE A 64 22.74 7.77 -9.56
CA ILE A 64 23.58 8.92 -10.03
C ILE A 64 23.34 9.13 -11.54
N SER A 65 23.33 8.05 -12.33
CA SER A 65 23.30 8.10 -13.82
C SER A 65 21.87 8.34 -14.33
N ARG A 66 20.86 8.15 -13.48
CA ARG A 66 19.43 8.14 -13.89
C ARG A 66 18.73 9.48 -13.62
N LEU A 67 19.26 10.29 -12.69
CA LEU A 67 18.55 11.48 -12.16
C LEU A 67 19.07 12.76 -12.81
N SER A 68 18.17 13.75 -12.98
CA SER A 68 18.48 15.18 -13.22
C SER A 68 17.63 16.00 -12.24
N ILE A 69 18.24 16.94 -11.52
CA ILE A 69 17.50 17.92 -10.67
C ILE A 69 17.97 19.34 -11.04
N SER A 70 17.12 20.07 -11.76
CA SER A 70 17.26 21.51 -12.05
C SER A 70 16.21 22.28 -11.27
N ARG A 71 16.33 23.62 -11.23
CA ARG A 71 15.33 24.52 -10.59
C ARG A 71 15.19 25.82 -11.40
N ASP A 72 14.04 26.48 -11.24
CA ASP A 72 13.74 27.83 -11.80
C ASP A 72 13.24 28.71 -10.66
N ILE A 73 14.09 29.61 -10.19
CA ILE A 73 13.88 30.47 -8.98
C ILE A 73 12.64 31.35 -9.23
N SER A 74 12.65 32.13 -10.31
CA SER A 74 11.60 33.13 -10.65
C SER A 74 10.23 32.45 -10.74
N LYS A 75 10.16 31.16 -11.12
CA LYS A 75 8.90 30.39 -11.25
C LYS A 75 8.54 29.66 -9.94
N SER A 76 9.44 29.61 -8.96
CA SER A 76 9.25 28.89 -7.67
C SER A 76 9.19 27.37 -7.93
N GLN A 77 9.86 26.89 -8.97
CA GLN A 77 9.77 25.48 -9.42
C GLN A 77 11.12 24.79 -9.29
N VAL A 78 11.13 23.56 -8.77
CA VAL A 78 12.24 22.57 -8.86
C VAL A 78 11.74 21.40 -9.71
N PHE A 79 12.58 20.87 -10.59
CA PHE A 79 12.24 19.84 -11.60
C PHE A 79 12.99 18.53 -11.35
N PHE A 80 12.30 17.41 -11.52
CA PHE A 80 12.83 16.05 -11.26
C PHE A 80 12.65 15.19 -12.52
N LYS A 81 13.74 14.59 -13.00
CA LYS A 81 13.69 13.66 -14.16
C LYS A 81 14.53 12.43 -13.81
N MET A 82 13.90 11.26 -13.79
CA MET A 82 14.56 9.95 -13.68
C MET A 82 14.34 9.18 -14.98
N ASN A 83 15.40 8.54 -15.51
CA ASN A 83 15.42 7.91 -16.86
C ASN A 83 15.17 6.40 -16.73
N SER A 84 14.78 5.78 -17.84
CA SER A 84 14.76 4.30 -18.06
C SER A 84 14.13 3.59 -16.86
N LEU A 85 12.85 3.88 -16.58
CA LEU A 85 12.12 3.25 -15.45
C LEU A 85 11.76 1.83 -15.84
N GLN A 86 11.83 0.91 -14.85
CA GLN A 86 11.30 -0.47 -14.92
C GLN A 86 10.27 -0.61 -13.79
N ALA A 87 9.66 -1.79 -13.66
CA ALA A 87 8.59 -2.08 -12.68
C ALA A 87 9.08 -1.84 -11.24
N ASP A 88 10.37 -2.10 -10.95
CA ASP A 88 10.99 -1.95 -9.60
C ASP A 88 10.99 -0.45 -9.18
N ASP A 89 10.46 0.45 -10.02
CA ASP A 89 10.38 1.90 -9.73
C ASP A 89 8.94 2.30 -9.34
N THR A 90 7.98 1.37 -9.42
CA THR A 90 6.60 1.56 -8.94
C THR A 90 6.65 2.16 -7.52
N ALA A 91 6.19 3.38 -7.32
CA ALA A 91 6.23 4.05 -6.00
C ALA A 91 5.46 5.35 -6.05
N ILE A 92 5.23 5.92 -4.86
CA ILE A 92 4.82 7.33 -4.67
C ILE A 92 6.12 8.14 -4.66
N TYR A 93 6.24 9.13 -5.55
CA TYR A 93 7.41 10.07 -5.63
C TYR A 93 7.04 11.39 -4.95
N TYR A 94 7.81 11.76 -3.93
CA TYR A 94 7.62 12.97 -3.10
C TYR A 94 8.72 13.98 -3.41
N CYS A 95 8.35 15.23 -3.70
CA CYS A 95 9.20 16.44 -3.47
C CYS A 95 8.90 16.88 -2.04
N ALA A 96 9.92 17.28 -1.27
CA ALA A 96 9.76 17.75 0.13
C ALA A 96 10.75 18.89 0.44
N ARG A 97 10.30 19.88 1.22
CA ARG A 97 11.08 21.08 1.60
C ARG A 97 12.02 20.73 2.76
N GLY A 98 13.30 21.02 2.59
CA GLY A 98 14.30 20.93 3.68
C GLY A 98 14.55 22.27 4.35
N SER A 99 14.40 22.32 5.67
CA SER A 99 14.81 23.43 6.57
C SER A 99 16.14 23.04 7.25
N ARG A 100 16.47 23.61 8.41
CA ARG A 100 17.79 23.38 9.07
C ARG A 100 18.00 21.92 9.41
N TYR A 101 16.96 21.27 9.91
CA TYR A 101 17.05 20.01 10.70
C TYR A 101 16.39 18.86 9.95
N ALA A 102 15.38 19.13 9.12
CA ALA A 102 14.41 18.09 8.68
C ALA A 102 13.63 18.51 7.44
N LEU A 103 12.82 17.57 6.94
CA LEU A 103 11.89 17.73 5.79
C LEU A 103 10.53 18.18 6.35
N ASP A 104 10.36 19.49 6.56
CA ASP A 104 9.27 20.00 7.43
C ASP A 104 7.96 20.13 6.64
N TYR A 105 7.98 20.25 5.30
CA TYR A 105 6.74 20.36 4.47
C TYR A 105 6.89 19.52 3.19
N TRP A 106 5.84 18.77 2.84
CA TRP A 106 5.91 17.68 1.83
C TRP A 106 4.88 17.91 0.72
N GLY A 107 5.26 17.63 -0.53
CA GLY A 107 4.32 17.53 -1.65
C GLY A 107 3.27 16.45 -1.40
N GLN A 108 2.13 16.50 -2.09
CA GLN A 108 0.99 15.56 -1.89
C GLN A 108 1.41 14.15 -2.31
N GLY A 109 2.53 14.05 -3.04
CA GLY A 109 3.03 12.77 -3.60
C GLY A 109 2.64 12.65 -5.06
N THR A 110 3.27 11.72 -5.79
CA THR A 110 2.90 11.35 -7.18
C THR A 110 2.92 9.82 -7.32
N SER A 111 1.75 9.18 -7.37
CA SER A 111 1.61 7.72 -7.52
C SER A 111 2.09 7.33 -8.92
N VAL A 112 3.23 6.64 -9.00
CA VAL A 112 3.91 6.33 -10.29
C VAL A 112 3.76 4.83 -10.57
N SER A 113 3.29 4.50 -11.77
CA SER A 113 3.16 3.11 -12.27
C SER A 113 3.94 3.00 -13.59
N VAL A 114 4.49 1.80 -13.85
CA VAL A 114 5.28 1.46 -15.05
C VAL A 114 4.55 0.35 -15.81
N SER A 115 4.07 0.68 -17.02
CA SER A 115 3.30 -0.25 -17.90
C SER A 115 3.33 0.25 -19.35
N SER A 116 3.33 -0.68 -20.30
CA SER A 116 3.15 -0.42 -21.74
C SER A 116 1.74 -0.82 -22.14
N ALA A 117 0.88 -1.05 -21.15
CA ALA A 117 -0.53 -1.48 -21.37
C ALA A 117 -1.35 -0.29 -21.86
N SER A 118 -2.29 -0.56 -22.75
CA SER A 118 -3.28 0.44 -23.23
C SER A 118 -4.61 0.22 -22.50
N THR A 119 -5.42 1.28 -22.50
CA THR A 119 -6.68 1.32 -21.72
C THR A 119 -7.48 0.09 -22.12
N LYS A 120 -7.96 -0.66 -21.13
CA LYS A 120 -8.81 -1.85 -21.34
C LYS A 120 -9.90 -1.88 -20.26
N GLY A 121 -11.16 -2.09 -20.70
CA GLY A 121 -12.29 -2.38 -19.80
C GLY A 121 -12.18 -3.79 -19.23
N PRO A 122 -12.70 -4.04 -18.01
CA PRO A 122 -12.64 -5.36 -17.40
C PRO A 122 -13.75 -6.33 -17.84
N SER A 123 -13.41 -7.60 -17.94
CA SER A 123 -14.38 -8.73 -17.95
C SER A 123 -14.79 -9.00 -16.50
N VAL A 124 -16.08 -9.04 -16.21
CA VAL A 124 -16.61 -9.31 -14.84
C VAL A 124 -17.25 -10.70 -14.79
N PHE A 125 -16.76 -11.52 -13.87
CA PHE A 125 -17.21 -12.93 -13.70
C PHE A 125 -17.86 -13.08 -12.34
N PRO A 126 -18.87 -13.96 -12.23
CA PRO A 126 -19.51 -14.22 -10.95
C PRO A 126 -18.75 -15.22 -10.11
N LEU A 127 -18.69 -14.96 -8.81
CA LEU A 127 -18.16 -15.90 -7.79
C LEU A 127 -19.37 -16.46 -7.02
N ALA A 128 -20.01 -17.48 -7.59
CA ALA A 128 -21.34 -18.00 -7.17
C ALA A 128 -21.24 -18.72 -5.83
N PRO A 129 -22.20 -18.49 -4.91
CA PRO A 129 -22.16 -19.10 -3.58
C PRO A 129 -22.29 -20.63 -3.60
N SER A 130 -21.41 -21.29 -2.82
CA SER A 130 -21.27 -22.76 -2.62
C SER A 130 -22.64 -23.41 -2.46
N SER A 131 -22.81 -24.62 -3.03
CA SER A 131 -24.09 -25.40 -3.03
C SER A 131 -24.46 -25.85 -1.60
N LYS A 132 -23.47 -25.88 -0.68
CA LYS A 132 -23.69 -26.18 0.76
C LYS A 132 -22.78 -25.25 1.61
N SER A 133 -23.40 -24.24 2.23
CA SER A 133 -22.70 -23.12 2.93
C SER A 133 -22.67 -23.38 4.46
N GLY A 137 -26.44 -19.97 9.35
CA GLY A 137 -25.10 -19.89 8.76
C GLY A 137 -25.04 -18.81 7.69
N THR A 138 -23.83 -18.39 7.36
CA THR A 138 -23.56 -17.31 6.37
C THR A 138 -23.05 -17.91 5.06
N ALA A 139 -23.46 -17.34 3.93
CA ALA A 139 -22.92 -17.63 2.58
C ALA A 139 -22.03 -16.48 2.11
N ALA A 140 -21.05 -16.75 1.26
CA ALA A 140 -20.24 -15.71 0.58
C ALA A 140 -20.45 -15.86 -0.92
N LEU A 141 -20.52 -14.72 -1.61
CA LEU A 141 -20.55 -14.61 -3.09
C LEU A 141 -19.80 -13.32 -3.48
N GLY A 142 -19.63 -13.08 -4.77
CA GLY A 142 -18.81 -11.95 -5.26
C GLY A 142 -18.75 -11.86 -6.77
N CYS A 143 -17.95 -10.91 -7.26
CA CYS A 143 -17.60 -10.70 -8.68
C CYS A 143 -16.10 -10.62 -8.84
N LEU A 144 -15.57 -11.39 -9.78
CA LEU A 144 -14.14 -11.34 -10.22
C LEU A 144 -14.06 -10.27 -11.32
N VAL A 145 -13.23 -9.24 -11.12
CA VAL A 145 -13.11 -8.09 -12.06
C VAL A 145 -11.72 -8.18 -12.66
N LYS A 146 -11.61 -8.60 -13.93
CA LYS A 146 -10.35 -9.17 -14.46
C LYS A 146 -9.86 -8.39 -15.67
N ASP A 147 -8.54 -8.22 -15.77
CA ASP A 147 -7.84 -7.78 -17.01
C ASP A 147 -8.34 -6.38 -17.40
N TYR A 148 -7.98 -5.36 -16.64
CA TYR A 148 -8.26 -3.93 -16.96
C TYR A 148 -7.06 -3.04 -16.64
N PHE A 149 -6.98 -1.89 -17.31
CA PHE A 149 -5.91 -0.88 -17.16
C PHE A 149 -6.43 0.48 -17.60
N PRO A 150 -6.11 1.59 -16.89
CA PRO A 150 -5.40 1.57 -15.61
C PRO A 150 -6.36 1.42 -14.41
N GLU A 151 -5.81 1.52 -13.20
CA GLU A 151 -6.63 1.73 -11.97
C GLU A 151 -7.33 3.07 -12.08
N PRO A 152 -8.51 3.29 -11.45
CA PRO A 152 -9.19 2.30 -10.62
C PRO A 152 -10.52 1.75 -11.16
N VAL A 153 -11.02 0.66 -10.56
CA VAL A 153 -12.45 0.24 -10.71
C VAL A 153 -13.12 0.48 -9.36
N THR A 154 -14.40 0.78 -9.42
CA THR A 154 -15.29 0.87 -8.25
C THR A 154 -16.31 -0.27 -8.38
N VAL A 155 -16.66 -0.91 -7.26
CA VAL A 155 -17.75 -1.94 -7.19
C VAL A 155 -18.71 -1.54 -6.06
N SER A 156 -20.00 -1.51 -6.37
CA SER A 156 -21.13 -1.48 -5.40
C SER A 156 -21.95 -2.77 -5.55
N TRP A 157 -22.91 -2.99 -4.66
CA TRP A 157 -23.88 -4.10 -4.71
C TRP A 157 -25.33 -3.57 -4.65
N ASN A 158 -26.19 -4.09 -5.52
CA ASN A 158 -27.60 -3.62 -5.70
C ASN A 158 -27.63 -2.08 -5.65
N SER A 159 -26.72 -1.44 -6.40
CA SER A 159 -26.70 0.02 -6.68
C SER A 159 -26.48 0.85 -5.41
N GLY A 160 -25.69 0.37 -4.46
CA GLY A 160 -25.44 1.05 -3.18
C GLY A 160 -26.33 0.52 -2.06
N ALA A 161 -27.41 -0.20 -2.39
CA ALA A 161 -28.42 -0.70 -1.42
C ALA A 161 -27.80 -1.72 -0.47
N LEU A 162 -26.76 -2.45 -0.90
CA LEU A 162 -26.07 -3.51 -0.10
C LEU A 162 -24.63 -3.09 0.17
N THR A 163 -24.32 -2.74 1.43
CA THR A 163 -23.00 -2.21 1.88
C THR A 163 -22.42 -3.03 3.05
N SER A 164 -23.27 -3.68 3.86
CA SER A 164 -22.83 -4.48 5.04
C SER A 164 -22.17 -5.76 4.55
N GLY A 165 -20.96 -6.04 5.04
CA GLY A 165 -20.17 -7.25 4.72
C GLY A 165 -19.49 -7.19 3.35
N VAL A 166 -19.64 -6.10 2.60
CA VAL A 166 -19.05 -5.90 1.24
C VAL A 166 -17.56 -5.59 1.39
N HIS A 167 -16.67 -6.40 0.82
CA HIS A 167 -15.19 -6.15 0.79
C HIS A 167 -14.74 -6.13 -0.67
N THR A 168 -14.37 -4.96 -1.19
CA THR A 168 -13.72 -4.77 -2.51
C THR A 168 -12.19 -4.77 -2.29
N PHE A 169 -11.52 -5.80 -2.78
CA PHE A 169 -10.07 -6.03 -2.53
C PHE A 169 -9.23 -5.04 -3.32
N PRO A 170 -8.10 -4.56 -2.75
CA PRO A 170 -7.08 -3.86 -3.53
C PRO A 170 -6.74 -4.63 -4.81
N ALA A 171 -6.66 -3.92 -5.93
CA ALA A 171 -6.29 -4.50 -7.23
C ALA A 171 -4.91 -5.14 -7.10
N VAL A 172 -4.59 -6.00 -8.05
CA VAL A 172 -3.33 -6.78 -8.12
C VAL A 172 -2.88 -6.70 -9.58
N LEU A 173 -1.58 -6.52 -9.82
CA LEU A 173 -0.99 -6.36 -11.17
C LEU A 173 -0.48 -7.73 -11.64
N GLN A 174 -1.09 -8.29 -12.67
CA GLN A 174 -0.79 -9.66 -13.17
C GLN A 174 0.47 -9.63 -14.05
N SER A 175 1.00 -10.81 -14.43
CA SER A 175 2.18 -10.92 -15.35
C SER A 175 1.94 -10.12 -16.63
N SER A 176 0.68 -9.93 -17.03
CA SER A 176 0.26 -9.38 -18.35
C SER A 176 0.35 -7.84 -18.40
N GLY A 177 0.47 -7.18 -17.25
CA GLY A 177 0.42 -5.71 -17.15
C GLY A 177 -1.02 -5.20 -16.93
N LEU A 178 -1.98 -6.12 -16.80
CA LEU A 178 -3.42 -5.83 -16.53
C LEU A 178 -3.75 -6.09 -15.06
N TYR A 179 -4.59 -5.24 -14.48
CA TYR A 179 -5.03 -5.29 -13.06
C TYR A 179 -6.22 -6.26 -12.94
N SER A 180 -6.42 -6.78 -11.74
CA SER A 180 -7.58 -7.64 -11.39
C SER A 180 -7.87 -7.56 -9.88
N LEU A 181 -9.15 -7.60 -9.51
CA LEU A 181 -9.59 -7.70 -8.10
C LEU A 181 -10.91 -8.47 -8.01
N SER A 182 -11.26 -8.80 -6.77
CA SER A 182 -12.58 -9.36 -6.37
C SER A 182 -13.30 -8.40 -5.43
N SER A 183 -14.60 -8.25 -5.65
CA SER A 183 -15.57 -7.67 -4.69
C SER A 183 -16.42 -8.80 -4.12
N VAL A 184 -16.35 -9.04 -2.82
CA VAL A 184 -17.15 -10.11 -2.16
C VAL A 184 -18.14 -9.47 -1.16
N VAL A 185 -19.16 -10.25 -0.78
CA VAL A 185 -20.19 -9.87 0.24
C VAL A 185 -20.69 -11.16 0.89
N THR A 186 -20.78 -11.19 2.23
CA THR A 186 -21.44 -12.27 2.99
C THR A 186 -22.91 -11.88 3.19
N VAL A 187 -23.80 -12.86 3.00
CA VAL A 187 -25.28 -12.73 3.17
C VAL A 187 -25.75 -14.00 3.87
N PRO A 188 -26.93 -14.01 4.54
CA PRO A 188 -27.41 -15.24 5.18
C PRO A 188 -27.75 -16.29 4.11
N SER A 189 -27.37 -17.55 4.36
CA SER A 189 -27.58 -18.72 3.46
C SER A 189 -29.05 -18.82 3.01
N SER A 190 -30.01 -18.49 3.88
CA SER A 190 -31.47 -18.71 3.65
C SER A 190 -32.06 -17.70 2.64
N SER A 191 -31.28 -16.74 2.13
CA SER A 191 -31.79 -15.66 1.25
C SER A 191 -31.41 -15.88 -0.21
N LEU A 192 -30.59 -16.91 -0.51
CA LEU A 192 -29.98 -17.15 -1.84
C LEU A 192 -31.05 -17.49 -2.87
N GLY A 193 -32.18 -18.08 -2.44
CA GLY A 193 -33.34 -18.37 -3.30
C GLY A 193 -34.34 -17.22 -3.36
N THR A 194 -34.05 -16.14 -2.62
CA THR A 194 -35.04 -15.17 -2.06
C THR A 194 -34.69 -13.74 -2.51
N GLN A 195 -33.41 -13.43 -2.74
CA GLN A 195 -32.93 -12.06 -3.03
C GLN A 195 -31.90 -12.09 -4.17
N THR A 196 -32.04 -11.15 -5.12
CA THR A 196 -31.12 -10.87 -6.23
C THR A 196 -29.90 -10.10 -5.71
N TYR A 197 -28.70 -10.55 -6.03
CA TYR A 197 -27.43 -9.91 -5.62
C TYR A 197 -26.64 -9.57 -6.90
N ILE A 198 -26.45 -8.26 -7.14
CA ILE A 198 -25.84 -7.75 -8.40
C ILE A 198 -24.65 -6.85 -8.05
N CYS A 199 -23.44 -7.20 -8.49
CA CYS A 199 -22.28 -6.28 -8.43
C CYS A 199 -22.43 -5.24 -9.54
N ASN A 200 -22.29 -3.97 -9.19
CA ASN A 200 -22.21 -2.85 -10.16
C ASN A 200 -20.73 -2.51 -10.28
N VAL A 201 -20.20 -2.60 -11.50
CA VAL A 201 -18.75 -2.44 -11.76
C VAL A 201 -18.60 -1.23 -12.70
N ASN A 202 -17.69 -0.33 -12.34
CA ASN A 202 -17.49 0.95 -13.07
C ASN A 202 -15.98 1.22 -13.20
N HIS A 203 -15.51 1.29 -14.45
CA HIS A 203 -14.13 1.61 -14.88
C HIS A 203 -14.22 2.86 -15.75
N LYS A 204 -14.00 4.02 -15.16
CA LYS A 204 -14.27 5.35 -15.80
C LYS A 204 -13.36 5.55 -17.02
N PRO A 205 -12.04 5.22 -16.95
CA PRO A 205 -11.13 5.44 -18.09
C PRO A 205 -11.53 4.74 -19.40
N SER A 206 -12.14 3.54 -19.32
CA SER A 206 -12.68 2.81 -20.49
C SER A 206 -14.18 3.10 -20.67
N ASN A 207 -14.70 4.06 -19.91
CA ASN A 207 -16.15 4.33 -19.69
C ASN A 207 -16.94 3.03 -19.77
N THR A 208 -16.57 2.05 -18.94
CA THR A 208 -17.24 0.73 -18.87
C THR A 208 -18.02 0.67 -17.57
N LYS A 209 -19.35 0.64 -17.69
CA LYS A 209 -20.30 0.20 -16.63
C LYS A 209 -20.76 -1.21 -17.01
N VAL A 210 -20.92 -2.08 -16.02
CA VAL A 210 -21.46 -3.45 -16.24
C VAL A 210 -22.03 -3.95 -14.91
N ASP A 211 -23.26 -4.47 -14.98
CA ASP A 211 -23.97 -5.16 -13.88
C ASP A 211 -23.89 -6.68 -14.17
N LYS A 212 -23.64 -7.47 -13.12
CA LYS A 212 -23.67 -8.96 -13.17
C LYS A 212 -24.53 -9.44 -12.00
N LYS A 213 -25.63 -10.16 -12.29
CA LYS A 213 -26.40 -10.92 -11.27
C LYS A 213 -25.60 -12.17 -10.91
N VAL A 214 -25.30 -12.36 -9.62
CA VAL A 214 -24.55 -13.54 -9.11
C VAL A 214 -25.57 -14.62 -8.70
N GLU A 215 -25.84 -15.54 -9.62
CA GLU A 215 -26.88 -16.59 -9.51
C GLU A 215 -26.31 -17.74 -8.69
N PRO A 216 -26.97 -18.17 -7.58
CA PRO A 216 -26.50 -19.31 -6.79
C PRO A 216 -26.45 -20.61 -7.59
N LYS A 217 -25.57 -21.54 -7.19
CA LYS A 217 -25.27 -22.82 -7.89
C LYS A 217 -26.19 -23.92 -7.37
N ASP B 1 26.81 4.40 4.72
CA ASP B 1 25.39 4.66 5.02
C ASP B 1 25.12 4.30 6.47
N ILE B 2 24.31 5.12 7.17
CA ILE B 2 23.78 4.78 8.52
C ILE B 2 22.53 3.94 8.28
N GLN B 3 22.49 2.71 8.80
CA GLN B 3 21.27 1.84 8.75
C GLN B 3 20.34 2.29 9.87
N MET B 4 19.09 2.59 9.52
CA MET B 4 17.99 2.90 10.47
C MET B 4 17.04 1.71 10.50
N THR B 5 16.75 1.18 11.69
CA THR B 5 16.04 -0.12 11.90
C THR B 5 14.89 0.03 12.88
N GLN B 6 13.66 0.03 12.37
CA GLN B 6 12.43 -0.06 13.19
C GLN B 6 12.04 -1.54 13.23
N THR B 7 12.39 -2.22 14.31
CA THR B 7 12.47 -3.70 14.40
C THR B 7 11.06 -4.31 14.36
N THR B 8 10.03 -3.53 14.69
CA THR B 8 8.60 -3.92 14.49
C THR B 8 8.05 -3.15 13.27
N SER B 9 7.49 -3.89 12.30
CA SER B 9 6.82 -3.34 11.09
C SER B 9 5.38 -2.97 11.40
N SER B 10 4.72 -3.85 12.14
CA SER B 10 3.31 -3.69 12.56
C SER B 10 3.27 -3.48 14.08
N LEU B 11 2.40 -2.59 14.55
CA LEU B 11 2.26 -2.26 15.99
C LEU B 11 0.76 -2.24 16.34
N SER B 12 0.35 -3.13 17.24
CA SER B 12 -1.06 -3.34 17.66
C SER B 12 -1.34 -2.46 18.88
N ALA B 13 -2.30 -1.54 18.78
CA ALA B 13 -2.62 -0.55 19.85
C ALA B 13 -4.14 -0.48 20.09
N SER B 14 -4.56 0.15 21.17
CA SER B 14 -5.99 0.48 21.43
C SER B 14 -6.14 1.98 21.70
N LEU B 15 -7.16 2.61 21.14
CA LEU B 15 -7.47 4.05 21.35
C LEU B 15 -7.40 4.36 22.85
N GLY B 16 -6.59 5.36 23.22
CA GLY B 16 -6.33 5.78 24.61
C GLY B 16 -5.04 5.21 25.18
N ASP B 17 -4.39 4.28 24.47
CA ASP B 17 -3.08 3.68 24.87
C ASP B 17 -1.94 4.71 24.71
N ARG B 18 -0.88 4.53 25.51
CA ARG B 18 0.46 5.13 25.28
C ARG B 18 1.27 4.15 24.41
N VAL B 19 1.45 4.47 23.12
CA VAL B 19 2.28 3.69 22.16
C VAL B 19 3.68 4.31 22.09
N THR B 20 4.71 3.45 22.08
CA THR B 20 6.13 3.83 21.85
C THR B 20 6.60 3.14 20.57
N ILE B 21 6.99 3.93 19.57
CA ILE B 21 7.65 3.41 18.34
C ILE B 21 9.15 3.58 18.53
N SER B 22 9.92 2.54 18.21
CA SER B 22 11.39 2.43 18.49
C SER B 22 12.17 2.38 17.19
N CYS B 23 13.38 2.94 17.22
CA CYS B 23 14.28 3.14 16.05
C CYS B 23 15.72 3.02 16.55
N ARG B 24 16.52 2.16 15.92
CA ARG B 24 17.97 2.00 16.19
C ARG B 24 18.77 2.37 14.93
N ALA B 25 19.80 3.21 15.08
CA ALA B 25 20.77 3.57 14.00
C ALA B 25 22.01 2.67 14.12
N SER B 26 22.76 2.51 13.03
CA SER B 26 23.98 1.64 12.99
C SER B 26 25.15 2.28 13.75
N GLN B 27 25.14 3.60 13.97
CA GLN B 27 26.13 4.31 14.82
C GLN B 27 25.45 5.43 15.62
N ASP B 28 26.16 6.03 16.56
CA ASP B 28 25.75 7.28 17.24
C ASP B 28 25.36 8.29 16.14
N ILE B 29 24.17 8.88 16.22
CA ILE B 29 23.74 9.97 15.30
C ILE B 29 23.59 11.28 16.08
N SER B 30 23.99 11.27 17.35
CA SER B 30 24.16 12.48 18.22
C SER B 30 22.90 13.34 18.15
N ASN B 31 21.74 12.71 18.36
CA ASN B 31 20.41 13.34 18.55
C ASN B 31 19.86 13.94 17.25
N TYR B 32 20.53 13.79 16.10
CA TYR B 32 20.04 14.33 14.80
C TYR B 32 19.08 13.32 14.17
N LEU B 33 17.84 13.27 14.67
CA LEU B 33 16.79 12.29 14.27
C LEU B 33 15.39 12.91 14.17
N ASN B 34 14.74 12.72 13.02
CA ASN B 34 13.40 13.26 12.73
C ASN B 34 12.41 12.10 12.68
N TRP B 35 11.17 12.35 13.07
CA TRP B 35 10.04 11.40 12.97
C TRP B 35 9.01 11.95 11.98
N TYR B 36 8.61 11.12 11.01
CA TYR B 36 7.54 11.42 10.03
C TYR B 36 6.33 10.48 10.22
N GLN B 37 5.18 10.98 9.75
CA GLN B 37 3.86 10.31 9.75
C GLN B 37 3.32 10.28 8.31
N GLN B 38 3.06 9.08 7.79
CA GLN B 38 2.42 8.85 6.47
C GLN B 38 1.04 8.23 6.69
N LYS B 39 0.00 8.89 6.19
CA LYS B 39 -1.41 8.47 6.36
C LYS B 39 -1.74 7.43 5.31
N PRO B 40 -2.90 6.73 5.42
CA PRO B 40 -3.35 5.82 4.37
C PRO B 40 -3.48 6.58 3.04
N ASP B 41 -3.91 7.86 3.07
CA ASP B 41 -4.16 8.70 1.88
C ASP B 41 -2.84 9.16 1.24
N GLY B 42 -1.70 8.87 1.91
CA GLY B 42 -0.35 9.08 1.36
C GLY B 42 0.26 10.44 1.67
N THR B 43 -0.48 11.33 2.34
CA THR B 43 0.08 12.63 2.79
C THR B 43 1.11 12.34 3.89
N VAL B 44 2.24 13.04 3.83
CA VAL B 44 3.37 12.91 4.80
C VAL B 44 3.42 14.24 5.59
N LYS B 45 3.75 14.17 6.88
CA LYS B 45 3.93 15.31 7.80
C LYS B 45 5.13 15.05 8.72
N LEU B 46 6.00 16.05 8.91
CA LEU B 46 7.05 16.01 9.96
C LEU B 46 6.33 16.11 11.30
N LEU B 47 6.65 15.24 12.25
CA LEU B 47 6.11 15.30 13.63
C LEU B 47 7.11 16.04 14.53
N ILE B 48 8.33 15.51 14.66
CA ILE B 48 9.37 16.10 15.55
C ILE B 48 10.76 15.97 14.90
N TYR B 49 11.67 16.86 15.29
CA TYR B 49 13.05 16.99 14.74
C TYR B 49 14.04 17.21 15.89
N TYR B 50 15.31 16.86 15.64
CA TYR B 50 16.41 16.84 16.64
C TYR B 50 15.93 16.11 17.90
N THR B 51 15.49 14.86 17.71
CA THR B 51 15.08 13.88 18.76
C THR B 51 13.69 14.22 19.33
N SER B 52 13.49 15.42 19.87
CA SER B 52 12.38 15.70 20.82
C SER B 52 11.66 17.04 20.56
N ARG B 53 12.01 17.79 19.52
CA ARG B 53 11.39 19.11 19.25
C ARG B 53 10.18 18.93 18.33
N LEU B 54 9.00 19.35 18.82
CA LEU B 54 7.70 19.29 18.10
C LEU B 54 7.66 20.29 16.96
N HIS B 55 7.25 19.88 15.77
CA HIS B 55 7.01 20.76 14.59
C HIS B 55 5.73 21.57 14.85
N SER B 56 5.59 22.77 14.24
CA SER B 56 4.38 23.63 14.31
C SER B 56 3.17 22.85 13.81
N GLY B 57 2.06 22.88 14.56
CA GLY B 57 0.79 22.20 14.22
C GLY B 57 0.63 20.85 14.93
N VAL B 58 1.73 20.25 15.42
CA VAL B 58 1.79 18.84 15.91
C VAL B 58 1.27 18.79 17.36
N PRO B 59 0.23 17.97 17.65
CA PRO B 59 -0.32 17.88 19.00
C PRO B 59 0.70 17.39 20.04
N SER B 60 0.47 17.73 21.32
CA SER B 60 1.42 17.57 22.45
C SER B 60 1.52 16.13 22.94
N ARG B 61 0.60 15.24 22.56
CA ARG B 61 0.70 13.81 22.93
C ARG B 61 1.89 13.15 22.20
N PHE B 62 2.33 13.74 21.09
CA PHE B 62 3.57 13.33 20.37
C PHE B 62 4.80 13.91 21.10
N SER B 63 5.64 13.02 21.61
CA SER B 63 6.95 13.37 22.22
C SER B 63 8.02 12.51 21.56
N GLY B 64 9.28 12.90 21.75
CA GLY B 64 10.47 12.09 21.38
C GLY B 64 11.46 11.98 22.51
N SER B 65 12.23 10.90 22.53
CA SER B 65 13.41 10.71 23.42
C SER B 65 14.45 9.88 22.68
N GLY B 66 15.63 9.72 23.30
CA GLY B 66 16.74 8.91 22.78
C GLY B 66 18.03 9.69 22.68
N SER B 67 19.15 8.98 22.73
CA SER B 67 20.54 9.43 22.42
C SER B 67 21.37 8.23 21.92
N GLY B 68 22.48 8.49 21.24
CA GLY B 68 23.36 7.44 20.72
C GLY B 68 22.71 6.79 19.52
N THR B 69 22.47 5.47 19.60
CA THR B 69 21.90 4.64 18.49
C THR B 69 20.37 4.57 18.59
N ASP B 70 19.81 4.53 19.80
CA ASP B 70 18.40 4.15 20.07
C ASP B 70 17.53 5.37 20.34
N TYR B 71 16.39 5.46 19.66
CA TYR B 71 15.44 6.59 19.78
C TYR B 71 14.01 6.06 19.79
N SER B 72 13.09 6.87 20.28
CA SER B 72 11.65 6.51 20.48
C SER B 72 10.74 7.68 20.08
N LEU B 73 9.64 7.36 19.40
CA LEU B 73 8.48 8.28 19.25
C LEU B 73 7.39 7.72 20.15
N THR B 74 6.88 8.52 21.08
CA THR B 74 5.82 8.10 22.04
C THR B 74 4.56 8.93 21.79
N ILE B 75 3.42 8.26 21.59
CA ILE B 75 2.09 8.92 21.42
C ILE B 75 1.25 8.57 22.64
N SER B 76 1.17 9.49 23.60
CA SER B 76 0.28 9.37 24.77
C SER B 76 -1.17 9.45 24.26
N ASN B 77 -2.10 8.79 24.97
CA ASN B 77 -3.57 8.89 24.73
C ASN B 77 -3.86 8.86 23.21
N LEU B 78 -3.66 7.70 22.59
CA LEU B 78 -3.65 7.50 21.11
C LEU B 78 -5.06 7.71 20.53
N GLU B 79 -5.17 8.46 19.42
CA GLU B 79 -6.45 8.79 18.72
C GLU B 79 -6.50 8.17 17.34
N GLN B 80 -7.71 8.11 16.76
CA GLN B 80 -8.02 7.37 15.50
C GLN B 80 -7.16 7.93 14.36
N GLU B 81 -7.00 9.26 14.29
CA GLU B 81 -6.28 9.94 13.19
C GLU B 81 -4.77 9.71 13.31
N ASP B 82 -4.30 9.20 14.46
CA ASP B 82 -2.87 8.82 14.69
C ASP B 82 -2.57 7.43 14.12
N ILE B 83 -3.56 6.76 13.56
CA ILE B 83 -3.39 5.39 12.97
C ILE B 83 -2.83 5.59 11.57
N ALA B 84 -1.53 5.34 11.44
CA ALA B 84 -0.72 5.61 10.24
C ALA B 84 0.57 4.81 10.33
N THR B 85 1.46 4.97 9.34
CA THR B 85 2.84 4.45 9.38
C THR B 85 3.78 5.57 9.82
N TYR B 86 4.77 5.26 10.67
CA TYR B 86 5.74 6.21 11.26
C TYR B 86 7.16 5.80 10.85
N PHE B 87 7.95 6.77 10.38
CA PHE B 87 9.32 6.63 9.84
C PHE B 87 10.29 7.52 10.63
N CYS B 88 11.37 6.94 11.16
CA CYS B 88 12.52 7.72 11.68
C CYS B 88 13.51 8.01 10.55
N GLN B 89 14.32 9.07 10.71
CA GLN B 89 15.30 9.54 9.70
C GLN B 89 16.47 10.24 10.41
N GLN B 90 17.70 9.77 10.16
CA GLN B 90 18.94 10.34 10.74
C GLN B 90 19.38 11.56 9.93
N GLY B 91 19.86 12.60 10.60
CA GLY B 91 20.39 13.82 9.95
C GLY B 91 21.87 14.03 10.26
N ASN B 92 22.61 12.94 10.48
CA ASN B 92 24.02 12.94 10.97
C ASN B 92 25.00 13.05 9.79
N THR B 93 24.92 12.11 8.83
CA THR B 93 25.84 11.97 7.67
C THR B 93 25.00 11.63 6.43
N LEU B 94 25.37 12.14 5.25
CA LEU B 94 24.69 11.86 3.96
C LEU B 94 25.04 10.45 3.53
N PRO B 95 24.13 9.74 2.81
CA PRO B 95 22.84 10.29 2.43
C PRO B 95 21.81 10.15 3.54
N PRO B 96 20.68 10.89 3.47
CA PRO B 96 19.60 10.74 4.44
C PRO B 96 19.07 9.31 4.29
N THR B 97 19.01 8.60 5.41
CA THR B 97 18.41 7.24 5.48
C THR B 97 17.22 7.29 6.44
N PHE B 98 16.20 6.49 6.18
CA PHE B 98 15.00 6.33 7.03
C PHE B 98 14.93 4.90 7.54
N GLY B 99 14.17 4.66 8.61
CA GLY B 99 13.76 3.30 9.02
C GLY B 99 12.75 2.69 8.06
N GLY B 100 12.50 1.38 8.21
CA GLY B 100 11.57 0.58 7.40
C GLY B 100 10.12 0.99 7.61
N GLY B 101 9.83 1.53 8.76
CA GLY B 101 8.50 2.07 9.10
C GLY B 101 7.77 1.19 10.09
N THR B 102 6.92 1.79 10.90
CA THR B 102 6.07 1.06 11.87
C THR B 102 4.63 1.47 11.63
N LYS B 103 3.82 0.53 11.12
CA LYS B 103 2.40 0.76 10.78
C LYS B 103 1.55 0.48 12.03
N LEU B 104 0.79 1.47 12.50
CA LEU B 104 -0.17 1.27 13.62
C LEU B 104 -1.40 0.51 13.11
N GLU B 105 -2.02 -0.21 14.03
CA GLU B 105 -3.10 -1.20 13.79
C GLU B 105 -3.90 -1.31 15.08
N ILE B 106 -5.21 -1.57 14.98
CA ILE B 106 -6.11 -1.66 16.16
C ILE B 106 -6.09 -3.08 16.74
N LYS B 107 -5.82 -3.20 18.04
CA LYS B 107 -5.92 -4.47 18.80
C LYS B 107 -7.41 -4.81 18.97
N ARG B 108 -7.80 -6.04 18.64
CA ARG B 108 -9.09 -6.62 19.08
C ARG B 108 -8.88 -8.09 19.46
N THR B 109 -9.92 -8.74 19.96
CA THR B 109 -9.92 -10.17 20.33
C THR B 109 -9.72 -11.01 19.06
N VAL B 110 -9.11 -12.19 19.19
CA VAL B 110 -8.87 -13.14 18.06
C VAL B 110 -10.22 -13.47 17.42
N ALA B 111 -10.28 -13.39 16.08
CA ALA B 111 -11.41 -13.83 15.24
C ALA B 111 -10.85 -14.72 14.12
N ALA B 112 -11.28 -15.99 14.08
CA ALA B 112 -10.87 -16.95 13.03
C ALA B 112 -11.44 -16.52 11.69
N PRO B 113 -10.74 -16.72 10.55
CA PRO B 113 -11.36 -16.42 9.26
C PRO B 113 -12.45 -17.45 9.02
N SER B 114 -13.52 -16.99 8.38
CA SER B 114 -14.47 -17.86 7.70
C SER B 114 -13.92 -18.06 6.29
N VAL B 115 -13.72 -19.32 5.85
CA VAL B 115 -13.03 -19.65 4.56
C VAL B 115 -14.05 -20.12 3.51
N PHE B 116 -13.96 -19.58 2.29
CA PHE B 116 -14.82 -19.94 1.13
C PHE B 116 -13.94 -20.16 -0.11
N ILE B 117 -14.22 -21.20 -0.89
CA ILE B 117 -13.50 -21.47 -2.18
C ILE B 117 -14.51 -21.35 -3.32
N PHE B 118 -14.10 -20.73 -4.42
CA PHE B 118 -14.96 -20.40 -5.59
C PHE B 118 -14.34 -20.99 -6.84
N PRO B 119 -14.94 -22.05 -7.43
CA PRO B 119 -14.50 -22.54 -8.73
C PRO B 119 -14.67 -21.43 -9.76
N PRO B 120 -14.08 -21.56 -10.96
CA PRO B 120 -14.23 -20.57 -12.02
C PRO B 120 -15.64 -20.65 -12.63
N SER B 121 -16.19 -19.50 -13.00
CA SER B 121 -17.48 -19.36 -13.71
C SER B 121 -17.44 -20.13 -15.03
N ASP B 122 -18.60 -20.66 -15.48
CA ASP B 122 -18.79 -21.31 -16.81
C ASP B 122 -18.49 -20.29 -17.91
N GLU B 123 -18.81 -19.01 -17.69
CA GLU B 123 -18.63 -17.90 -18.68
C GLU B 123 -17.14 -17.55 -18.81
N GLN B 124 -16.36 -17.64 -17.74
CA GLN B 124 -14.89 -17.45 -17.84
C GLN B 124 -14.29 -18.66 -18.57
N LEU B 125 -14.65 -19.88 -18.15
CA LEU B 125 -14.14 -21.12 -18.78
C LEU B 125 -14.28 -20.99 -20.29
N LYS B 126 -15.48 -20.63 -20.79
CA LYS B 126 -15.76 -20.56 -22.25
C LYS B 126 -14.97 -19.39 -22.87
N SER B 127 -14.43 -18.49 -22.03
CA SER B 127 -13.55 -17.37 -22.43
C SER B 127 -12.12 -17.86 -22.67
N GLY B 128 -11.76 -18.99 -22.07
CA GLY B 128 -10.51 -19.73 -22.35
C GLY B 128 -9.61 -19.84 -21.14
N THR B 129 -9.84 -19.01 -20.13
CA THR B 129 -9.01 -18.92 -18.89
C THR B 129 -9.81 -19.43 -17.67
N ALA B 130 -9.15 -19.65 -16.53
CA ALA B 130 -9.72 -20.31 -15.34
C ALA B 130 -9.07 -19.78 -14.06
N SER B 131 -9.75 -18.88 -13.35
CA SER B 131 -9.36 -18.30 -12.05
C SER B 131 -10.09 -19.03 -10.92
N VAL B 132 -9.37 -19.40 -9.88
CA VAL B 132 -9.91 -20.08 -8.67
C VAL B 132 -9.61 -19.16 -7.49
N VAL B 133 -10.65 -18.78 -6.74
CA VAL B 133 -10.54 -17.77 -5.65
C VAL B 133 -10.84 -18.43 -4.30
N CYS B 134 -9.98 -18.14 -3.32
CA CYS B 134 -10.10 -18.54 -1.90
C CYS B 134 -10.21 -17.28 -1.05
N LEU B 135 -11.30 -17.15 -0.30
CA LEU B 135 -11.61 -15.97 0.52
C LEU B 135 -11.41 -16.32 2.00
N LEU B 136 -10.63 -15.52 2.73
CA LEU B 136 -10.53 -15.52 4.20
C LEU B 136 -11.28 -14.28 4.69
N ASN B 137 -12.39 -14.44 5.40
CA ASN B 137 -13.31 -13.32 5.73
C ASN B 137 -13.22 -12.98 7.22
N ASN B 138 -13.02 -11.68 7.50
CA ASN B 138 -13.26 -11.02 8.82
C ASN B 138 -12.52 -11.81 9.88
N PHE B 139 -11.18 -11.72 9.86
CA PHE B 139 -10.28 -12.41 10.81
C PHE B 139 -9.41 -11.36 11.51
N TYR B 140 -8.84 -11.75 12.65
CA TYR B 140 -7.86 -10.98 13.43
C TYR B 140 -7.06 -11.97 14.26
N PRO B 141 -5.72 -11.86 14.33
CA PRO B 141 -4.96 -10.77 13.70
C PRO B 141 -4.72 -11.00 12.20
N ARG B 142 -3.98 -10.09 11.56
CA ARG B 142 -3.77 -10.02 10.08
C ARG B 142 -2.92 -11.20 9.58
N GLU B 143 -2.06 -11.75 10.44
CA GLU B 143 -1.11 -12.84 10.09
C GLU B 143 -1.93 -14.10 9.80
N ALA B 144 -1.80 -14.59 8.57
CA ALA B 144 -2.55 -15.75 8.02
C ALA B 144 -1.75 -16.39 6.88
N LYS B 145 -1.75 -17.73 6.82
CA LYS B 145 -1.04 -18.53 5.78
C LYS B 145 -2.07 -19.26 4.90
N VAL B 146 -1.97 -19.06 3.58
CA VAL B 146 -2.85 -19.68 2.53
C VAL B 146 -1.99 -20.56 1.63
N GLN B 147 -2.27 -21.87 1.65
CA GLN B 147 -1.67 -22.90 0.78
C GLN B 147 -2.69 -23.38 -0.26
N TRP B 148 -2.25 -23.54 -1.49
CA TRP B 148 -3.07 -24.08 -2.60
C TRP B 148 -2.66 -25.52 -2.88
N LYS B 149 -3.61 -26.43 -3.05
CA LYS B 149 -3.31 -27.85 -3.38
C LYS B 149 -4.10 -28.22 -4.64
N VAL B 150 -3.40 -28.62 -5.70
CA VAL B 150 -4.01 -29.18 -6.92
C VAL B 150 -3.68 -30.68 -6.92
N ASP B 151 -4.68 -31.54 -6.80
CA ASP B 151 -4.49 -33.00 -6.58
C ASP B 151 -3.31 -33.18 -5.62
N ASN B 152 -3.44 -32.63 -4.40
CA ASN B 152 -2.53 -32.81 -3.22
C ASN B 152 -1.23 -32.02 -3.39
N ALA B 153 -0.93 -31.50 -4.59
CA ALA B 153 0.38 -30.90 -4.92
C ALA B 153 0.44 -29.48 -4.38
N LEU B 154 1.14 -29.29 -3.25
CA LEU B 154 1.46 -27.97 -2.61
C LEU B 154 1.88 -26.96 -3.69
N GLN B 155 1.22 -25.80 -3.81
CA GLN B 155 1.50 -24.76 -4.84
C GLN B 155 2.37 -23.64 -4.27
N SER B 156 3.30 -23.12 -5.07
CA SER B 156 4.28 -22.07 -4.67
C SER B 156 4.33 -21.00 -5.77
N GLY B 157 4.27 -19.72 -5.38
CA GLY B 157 4.37 -18.55 -6.29
C GLY B 157 3.50 -18.70 -7.54
N ASN B 158 2.44 -19.51 -7.46
CA ASN B 158 1.45 -19.73 -8.54
C ASN B 158 0.29 -18.73 -8.39
N SER B 159 0.07 -18.24 -7.17
CA SER B 159 -1.12 -17.47 -6.75
C SER B 159 -0.72 -16.04 -6.35
N GLN B 160 -1.71 -15.16 -6.19
CA GLN B 160 -1.55 -13.73 -5.82
C GLN B 160 -2.51 -13.39 -4.68
N GLU B 161 -1.97 -12.94 -3.55
CA GLU B 161 -2.79 -12.53 -2.38
C GLU B 161 -3.16 -11.06 -2.55
N SER B 162 -4.33 -10.68 -2.07
CA SER B 162 -4.77 -9.28 -1.82
C SER B 162 -5.46 -9.23 -0.45
N VAL B 163 -5.14 -8.21 0.36
CA VAL B 163 -5.62 -8.05 1.76
C VAL B 163 -6.31 -6.68 1.91
N THR B 164 -7.48 -6.62 2.54
CA THR B 164 -8.21 -5.34 2.80
C THR B 164 -7.50 -4.58 3.91
N GLU B 165 -7.68 -3.26 3.96
CA GLU B 165 -7.25 -2.43 5.11
C GLU B 165 -8.13 -2.82 6.30
N GLN B 166 -7.57 -2.85 7.51
CA GLN B 166 -8.31 -3.13 8.75
C GLN B 166 -9.68 -2.45 8.61
N ASP B 167 -10.79 -3.21 8.73
CA ASP B 167 -12.17 -2.66 8.60
C ASP B 167 -12.38 -1.71 9.78
N SER B 168 -13.03 -0.58 9.55
CA SER B 168 -13.16 0.52 10.55
C SER B 168 -14.40 0.36 11.43
N LYS B 169 -15.13 -0.76 11.33
CA LYS B 169 -16.34 -1.01 12.16
C LYS B 169 -16.15 -2.25 13.05
N ASP B 170 -15.50 -3.33 12.58
CA ASP B 170 -15.25 -4.56 13.42
C ASP B 170 -13.73 -4.78 13.62
N SER B 171 -12.86 -3.92 13.08
CA SER B 171 -11.37 -3.99 13.17
C SER B 171 -10.80 -5.34 12.68
N THR B 172 -11.41 -5.97 11.67
CA THR B 172 -10.95 -7.26 11.06
C THR B 172 -10.30 -7.03 9.69
N TYR B 173 -9.63 -8.07 9.21
CA TYR B 173 -9.03 -8.16 7.85
C TYR B 173 -9.71 -9.28 7.06
N SER B 174 -9.79 -9.11 5.76
CA SER B 174 -10.22 -10.18 4.82
C SER B 174 -9.17 -10.31 3.71
N LEU B 175 -8.95 -11.52 3.23
CA LEU B 175 -7.84 -11.83 2.29
C LEU B 175 -8.37 -12.64 1.10
N SER B 176 -7.91 -12.31 -0.12
CA SER B 176 -8.19 -13.07 -1.38
C SER B 176 -6.88 -13.62 -1.96
N SER B 177 -6.84 -14.94 -2.14
CA SER B 177 -5.82 -15.66 -2.96
C SER B 177 -6.48 -16.07 -4.28
N THR B 178 -5.75 -16.01 -5.40
CA THR B 178 -6.32 -16.26 -6.76
C THR B 178 -5.34 -17.11 -7.60
N LEU B 179 -5.80 -18.28 -8.07
CA LEU B 179 -5.02 -19.23 -8.90
C LEU B 179 -5.52 -19.13 -10.35
N THR B 180 -4.61 -18.96 -11.31
CA THR B 180 -4.95 -18.81 -12.75
C THR B 180 -4.28 -19.91 -13.58
N LEU B 181 -5.08 -20.61 -14.41
CA LEU B 181 -4.69 -21.62 -15.42
C LEU B 181 -5.37 -21.29 -16.73
N SER B 182 -4.89 -21.81 -17.85
CA SER B 182 -5.68 -21.97 -19.10
C SER B 182 -6.89 -22.87 -18.77
N LYS B 183 -7.94 -22.82 -19.59
CA LYS B 183 -9.10 -23.76 -19.54
C LYS B 183 -8.59 -25.21 -19.61
N ALA B 184 -7.83 -25.53 -20.66
CA ALA B 184 -7.25 -26.87 -20.93
C ALA B 184 -6.51 -27.40 -19.70
N ASP B 185 -5.73 -26.55 -19.04
CA ASP B 185 -4.90 -26.95 -17.89
C ASP B 185 -5.81 -27.28 -16.73
N TYR B 186 -6.75 -26.39 -16.43
CA TYR B 186 -7.80 -26.55 -15.39
C TYR B 186 -8.53 -27.88 -15.65
N GLU B 187 -8.76 -28.18 -16.92
CA GLU B 187 -9.56 -29.33 -17.41
C GLU B 187 -8.88 -30.68 -17.06
N LYS B 188 -7.67 -30.69 -16.50
CA LYS B 188 -6.93 -31.97 -16.32
C LYS B 188 -6.46 -32.15 -14.87
N HIS B 189 -7.09 -31.46 -13.92
CA HIS B 189 -6.94 -31.72 -12.46
C HIS B 189 -8.34 -31.86 -11.85
N LYS B 190 -8.44 -32.43 -10.64
CA LYS B 190 -9.76 -32.74 -10.00
C LYS B 190 -9.95 -31.91 -8.73
N VAL B 191 -9.12 -32.11 -7.70
CA VAL B 191 -9.31 -31.50 -6.34
C VAL B 191 -8.48 -30.20 -6.21
N TYR B 192 -9.17 -29.06 -6.31
CA TYR B 192 -8.63 -27.70 -6.03
C TYR B 192 -8.98 -27.36 -4.57
N ALA B 193 -7.98 -27.42 -3.69
CA ALA B 193 -8.14 -27.22 -2.23
C ALA B 193 -7.41 -25.94 -1.79
N CYS B 194 -7.91 -25.33 -0.74
CA CYS B 194 -7.34 -24.10 -0.14
C CYS B 194 -7.17 -24.36 1.36
N GLU B 195 -5.93 -24.41 1.84
CA GLU B 195 -5.59 -24.70 3.25
C GLU B 195 -5.23 -23.39 3.95
N VAL B 196 -5.99 -23.04 4.99
CA VAL B 196 -5.86 -21.76 5.74
C VAL B 196 -5.32 -22.07 7.15
N THR B 197 -4.20 -21.43 7.50
CA THR B 197 -3.55 -21.50 8.84
C THR B 197 -3.72 -20.13 9.51
N HIS B 198 -4.32 -20.09 10.70
CA HIS B 198 -4.55 -18.83 11.49
C HIS B 198 -4.55 -19.15 12.98
N GLN B 199 -4.14 -18.16 13.78
CA GLN B 199 -4.10 -18.19 15.27
C GLN B 199 -5.48 -18.54 15.84
N GLY B 200 -6.56 -18.21 15.11
CA GLY B 200 -7.94 -18.38 15.58
C GLY B 200 -8.45 -19.80 15.45
N LEU B 201 -7.73 -20.67 14.73
CA LEU B 201 -8.15 -22.07 14.45
C LEU B 201 -7.31 -23.05 15.30
N SER B 202 -7.97 -24.07 15.86
CA SER B 202 -7.32 -25.23 16.55
C SER B 202 -6.27 -25.84 15.62
N SER B 203 -6.72 -26.18 14.39
CA SER B 203 -5.97 -26.88 13.30
C SER B 203 -6.30 -26.24 11.96
N PRO B 204 -5.42 -26.34 10.93
CA PRO B 204 -5.68 -25.71 9.64
C PRO B 204 -7.02 -26.17 9.03
N VAL B 205 -7.73 -25.25 8.37
CA VAL B 205 -9.07 -25.45 7.76
C VAL B 205 -8.88 -25.57 6.25
N THR B 206 -9.44 -26.61 5.64
CA THR B 206 -9.28 -26.88 4.19
C THR B 206 -10.67 -26.83 3.52
N LYS B 207 -10.85 -25.86 2.62
CA LYS B 207 -12.01 -25.78 1.70
C LYS B 207 -11.55 -26.20 0.30
N SER B 208 -12.29 -27.13 -0.30
CA SER B 208 -11.93 -27.73 -1.60
C SER B 208 -13.20 -27.95 -2.41
N PHE B 209 -13.01 -28.33 -3.66
CA PHE B 209 -14.07 -28.80 -4.59
C PHE B 209 -13.40 -29.69 -5.64
N ASN B 210 -14.21 -30.54 -6.28
CA ASN B 210 -13.81 -31.38 -7.44
C ASN B 210 -14.43 -30.75 -8.69
N ARG B 211 -13.67 -30.69 -9.78
CA ARG B 211 -14.13 -30.09 -11.06
C ARG B 211 -15.43 -30.79 -11.46
N GLY B 212 -16.58 -30.20 -11.13
CA GLY B 212 -17.92 -30.70 -11.52
C GLY B 212 -18.78 -31.13 -10.34
N GLU B 213 -19.45 -30.15 -9.69
CA GLU B 213 -20.36 -30.31 -8.53
C GLU B 213 -20.58 -28.93 -7.86
N ASP C 1 30.26 15.71 17.32
CA ASP C 1 28.94 15.41 16.72
C ASP C 1 28.92 15.90 15.26
N ALA C 2 28.38 15.10 14.34
CA ALA C 2 28.26 15.39 12.89
C ALA C 2 26.81 15.63 12.50
N SMC C 3 26.57 16.54 11.53
CA SMC C 3 25.22 16.84 11.05
CB SMC C 3 24.50 17.73 12.06
SG SMC C 3 24.86 19.52 12.00
CS SMC C 3 26.29 19.61 13.08
C SMC C 3 25.28 17.48 9.67
O SMC C 3 26.33 18.01 9.29
H SMC C 3 27.35 17.02 11.11
HA SMC C 3 24.73 15.99 10.98
HB2 SMC C 3 24.73 17.42 12.95
HB3 SMC C 3 23.55 17.61 11.94
HCS1 SMC C 3 26.58 20.52 13.14
HCS2 SMC C 3 26.04 19.29 13.96
HCS3 SMC C 3 26.99 19.05 12.72
N PHE C 4 24.17 17.41 8.93
CA PHE C 4 24.02 18.07 7.63
C PHE C 4 22.72 18.89 7.59
N ARG C 5 22.86 20.19 7.37
CA ARG C 5 21.71 21.13 7.26
C ARG C 5 20.86 20.69 6.08
N HIS C 6 19.56 20.46 6.31
CA HIS C 6 18.62 19.90 5.29
C HIS C 6 18.23 20.95 4.25
N ASP C 7 18.64 22.23 4.42
CA ASP C 7 18.34 23.35 3.46
C ASP C 7 19.52 23.64 2.53
N SER C 8 20.70 23.97 3.08
CA SER C 8 21.90 24.38 2.31
C SER C 8 22.79 23.18 1.98
N GLY C 9 22.66 22.07 2.74
CA GLY C 9 23.57 20.90 2.69
C GLY C 9 24.84 21.11 3.50
N TYR C 10 25.08 22.32 4.02
CA TYR C 10 26.29 22.65 4.80
C TYR C 10 26.44 21.64 5.94
N GLU C 11 27.66 21.19 6.22
CA GLU C 11 27.96 20.24 7.32
C GLU C 11 28.86 20.88 8.37
N CYS C 12 28.49 20.80 9.66
CA CYS C 12 29.33 21.27 10.79
C CYS C 12 30.60 20.41 10.88
N HIS C 13 30.44 19.09 10.82
CA HIS C 13 31.53 18.09 10.68
C HIS C 13 30.99 16.99 9.75
N HIS C 14 31.85 16.16 9.19
CA HIS C 14 31.41 15.00 8.36
C HIS C 14 30.98 13.85 9.26
C1 EDO D . 0.70 17.10 1.56
O1 EDO D . -0.30 18.07 1.34
C2 EDO D . 1.55 17.39 2.73
O2 EDO D . 1.02 16.89 3.94
H11 EDO D . 1.28 17.07 0.76
H12 EDO D . 0.27 16.23 1.69
HO1 EDO D . -0.76 17.86 0.65
H21 EDO D . 1.64 18.36 2.83
H22 EDO D . 2.43 16.98 2.60
HO2 EDO D . 0.28 16.50 3.78
ZN ZN E . 30.76 15.59 4.36
#